data_8AUS
#
_entry.id   8AUS
#
_cell.length_a   81.879
_cell.length_b   112.428
_cell.length_c   62.485
_cell.angle_alpha   90.00
_cell.angle_beta   90.00
_cell.angle_gamma   90.00
#
_symmetry.space_group_name_H-M   'C 2 2 21'
#
loop_
_entity.id
_entity.type
_entity.pdbx_description
1 polymer '14-3-3 protein sigma'
2 polymer 'Estrogen receptor'
3 non-polymer 'MAGNESIUM ION'
4 non-polymer 2-chloranyl-~{N}-[[7-[4-[(4-chlorophenyl)amino]oxan-4-yl]carbonyl-7-azaspiro[3.5]nonan-2-yl]methyl]ethanamide
5 water water
#
loop_
_entity_poly.entity_id
_entity_poly.type
_entity_poly.pdbx_seq_one_letter_code
_entity_poly.pdbx_strand_id
1 'polypeptide(L)'
;GAMGSMERASLIQKAKLAEQAERYEDMAAFMKGAVEKGEELSCEERNLLSVAYKNVVGGQRAAWRVLSSIEQKSNEEGSE
EKGPEVREYREKVETELQGVCDTVLGLLDSHLIKEAGDAESRVFYLKMKGDYYRYLAEVATGDDKKRIIDSARSAYQEAM
DISKKEMPPTNPIRLGLALNFSVFHYEIANSPEEAISLAKTTFDEAMADLHTLSEDSYKDSTLIMQLLRDNLTLWT
;
A
2 'polypeptide(L)' FPA(TPO)V B
#
loop_
_chem_comp.id
_chem_comp.type
_chem_comp.name
_chem_comp.formula
MG non-polymer 'MAGNESIUM ION' 'Mg 2'
O3F non-polymer 2-chloranyl-~{N}-[[7-[4-[(4-chlorophenyl)amino]oxan-4-yl]carbonyl-7-azaspiro[3.5]nonan-2-yl]methyl]ethanamide 'C23 H31 Cl2 N3 O3'
#
# COMPACT_ATOMS: atom_id res chain seq x y z
N GLY A 1 -6.57 -19.42 -14.09
CA GLY A 1 -7.21 -19.14 -12.78
C GLY A 1 -8.72 -19.35 -12.77
N ALA A 2 -9.28 -19.39 -11.55
CA ALA A 2 -10.68 -19.72 -11.28
C ALA A 2 -11.64 -18.68 -11.85
N MET A 3 -11.14 -17.48 -12.15
CA MET A 3 -11.96 -16.44 -12.74
C MET A 3 -11.86 -16.33 -14.25
N GLY A 4 -11.12 -17.28 -14.86
CA GLY A 4 -10.90 -17.25 -16.29
C GLY A 4 -12.15 -17.32 -17.15
N SER A 5 -13.19 -18.00 -16.65
CA SER A 5 -14.43 -18.13 -17.38
C SER A 5 -15.42 -17.04 -17.15
N MET A 6 -15.15 -16.07 -16.27
CA MET A 6 -16.12 -15.01 -15.98
C MET A 6 -15.82 -13.75 -16.74
N GLU A 7 -16.83 -13.15 -17.34
CA GLU A 7 -16.65 -11.88 -18.09
C GLU A 7 -15.93 -10.82 -17.25
N ARG A 8 -15.07 -10.06 -17.90
CA ARG A 8 -14.43 -8.90 -17.23
C ARG A 8 -15.50 -8.04 -16.51
N ALA A 9 -16.59 -7.66 -17.17
CA ALA A 9 -17.52 -6.69 -16.62
C ALA A 9 -18.21 -7.34 -15.39
N SER A 10 -18.51 -8.63 -15.47
CA SER A 10 -19.07 -9.38 -14.32
C SER A 10 -18.14 -9.42 -13.13
N LEU A 11 -16.83 -9.55 -13.38
CA LEU A 11 -15.86 -9.56 -12.29
C LEU A 11 -15.85 -8.19 -11.60
N ILE A 12 -15.87 -7.12 -12.39
CA ILE A 12 -15.92 -5.75 -11.83
C ILE A 12 -17.21 -5.51 -11.05
N GLN A 13 -18.34 -5.97 -11.60
CA GLN A 13 -19.62 -5.85 -10.91
C GLN A 13 -19.58 -6.57 -9.56
N LYS A 14 -19.05 -7.78 -9.56
CA LYS A 14 -18.98 -8.58 -8.35
C LYS A 14 -17.98 -8.00 -7.36
N ALA A 15 -16.88 -7.41 -7.83
CA ALA A 15 -15.97 -6.74 -6.93
C ALA A 15 -16.69 -5.64 -6.16
N LYS A 16 -17.56 -4.91 -6.83
CA LYS A 16 -18.32 -3.81 -6.19
C LYS A 16 -19.28 -4.35 -5.15
N LEU A 17 -19.95 -5.46 -5.49
CA LEU A 17 -20.84 -6.13 -4.55
C LEU A 17 -20.07 -6.60 -3.32
N ALA A 18 -18.93 -7.27 -3.56
CA ALA A 18 -18.08 -7.75 -2.48
C ALA A 18 -17.67 -6.60 -1.54
N GLU A 19 -17.30 -5.46 -2.12
CA GLU A 19 -16.98 -4.29 -1.31
C GLU A 19 -18.18 -3.90 -0.43
N GLN A 20 -19.38 -3.87 -0.99
CA GLN A 20 -20.57 -3.50 -0.20
C GLN A 20 -20.81 -4.50 0.92
N ALA A 21 -20.48 -5.77 0.67
CA ALA A 21 -20.65 -6.85 1.67
C ALA A 21 -19.45 -7.01 2.60
N GLU A 22 -18.43 -6.16 2.42
CA GLU A 22 -17.16 -6.21 3.18
C GLU A 22 -16.49 -7.57 3.13
N ARG A 23 -16.56 -8.16 1.93
CA ARG A 23 -15.98 -9.48 1.55
C ARG A 23 -14.71 -9.19 0.76
N TYR A 24 -13.65 -8.76 1.44
CA TYR A 24 -12.48 -8.17 0.73
C TYR A 24 -11.64 -9.25 0.06
N GLU A 25 -11.59 -10.47 0.62
CA GLU A 25 -10.90 -11.57 -0.05
C GLU A 25 -11.58 -11.81 -1.38
N ASP A 26 -12.91 -11.94 -1.37
CA ASP A 26 -13.63 -12.11 -2.62
C ASP A 26 -13.36 -10.97 -3.60
N MET A 27 -13.41 -9.75 -3.08
CA MET A 27 -13.19 -8.55 -3.88
C MET A 27 -11.85 -8.65 -4.57
N ALA A 28 -10.80 -9.02 -3.83
CA ALA A 28 -9.47 -9.11 -4.37
C ALA A 28 -9.37 -10.21 -5.46
N ALA A 29 -10.00 -11.37 -5.22
CA ALA A 29 -10.01 -12.44 -6.21
C ALA A 29 -10.73 -11.99 -7.51
N PHE A 30 -11.84 -11.25 -7.39
CA PHE A 30 -12.53 -10.75 -8.57
C PHE A 30 -11.64 -9.78 -9.31
N MET A 31 -11.01 -8.83 -8.60
CA MET A 31 -10.13 -7.88 -9.27
C MET A 31 -8.90 -8.51 -9.90
N LYS A 32 -8.32 -9.51 -9.24
CA LYS A 32 -7.21 -10.27 -9.83
C LYS A 32 -7.67 -10.89 -11.15
N GLY A 33 -8.88 -11.49 -11.14
CA GLY A 33 -9.46 -12.02 -12.36
C GLY A 33 -9.59 -10.95 -13.45
N ALA A 34 -10.08 -9.77 -13.04
CA ALA A 34 -10.22 -8.69 -14.00
C ALA A 34 -8.88 -8.25 -14.57
N VAL A 35 -7.84 -8.12 -13.73
CA VAL A 35 -6.55 -7.70 -14.25
C VAL A 35 -6.02 -8.74 -15.26
N GLU A 36 -6.21 -10.02 -14.95
CA GLU A 36 -5.69 -11.06 -15.77
C GLU A 36 -6.39 -11.17 -17.12
N LYS A 37 -7.46 -10.40 -17.36
CA LYS A 37 -8.05 -10.32 -18.69
C LYS A 37 -7.11 -9.65 -19.66
N GLY A 38 -6.15 -8.89 -19.14
CA GLY A 38 -5.07 -8.31 -19.94
C GLY A 38 -5.30 -6.91 -20.42
N GLU A 39 -6.49 -6.37 -20.23
CA GLU A 39 -6.79 -5.00 -20.62
C GLU A 39 -6.34 -4.05 -19.47
N GLU A 40 -5.94 -2.85 -19.84
CA GLU A 40 -5.64 -1.79 -18.87
C GLU A 40 -6.86 -1.55 -17.98
N LEU A 41 -6.62 -0.96 -16.81
CA LEU A 41 -7.69 -0.68 -15.84
C LEU A 41 -8.02 0.79 -15.93
N SER A 42 -9.29 1.14 -15.81
CA SER A 42 -9.69 2.53 -15.60
C SER A 42 -9.33 3.02 -14.22
N CYS A 43 -9.59 4.31 -13.97
CA CYS A 43 -9.41 4.89 -12.68
C CYS A 43 -10.22 4.17 -11.61
N GLU A 44 -11.50 3.99 -11.85
CA GLU A 44 -12.36 3.34 -10.90
C GLU A 44 -11.87 1.92 -10.63
N GLU A 45 -11.47 1.21 -11.68
CA GLU A 45 -11.04 -0.18 -11.55
C GLU A 45 -9.73 -0.27 -10.74
N ARG A 46 -8.82 0.65 -10.95
CA ARG A 46 -7.55 0.73 -10.18
C ARG A 46 -7.90 0.93 -8.70
N ASN A 47 -8.87 1.79 -8.40
CA ASN A 47 -9.28 1.98 -7.03
C ASN A 47 -9.81 0.69 -6.45
N LEU A 48 -10.62 -0.06 -7.21
CA LEU A 48 -11.20 -1.29 -6.66
C LEU A 48 -10.09 -2.27 -6.33
N LEU A 49 -9.12 -2.41 -7.23
CA LEU A 49 -8.00 -3.30 -7.01
C LEU A 49 -7.23 -2.93 -5.75
N SER A 50 -6.90 -1.64 -5.58
CA SER A 50 -6.12 -1.22 -4.43
C SER A 50 -6.91 -1.39 -3.13
N VAL A 51 -8.19 -1.06 -3.15
CA VAL A 51 -9.01 -1.17 -1.94
C VAL A 51 -9.08 -2.62 -1.51
N ALA A 52 -9.27 -3.54 -2.45
CA ALA A 52 -9.46 -4.93 -2.09
C ALA A 52 -8.19 -5.44 -1.40
N TYR A 53 -7.03 -5.29 -2.04
CA TYR A 53 -5.77 -5.84 -1.48
C TYR A 53 -5.33 -5.07 -0.24
N LYS A 54 -5.59 -3.77 -0.16
CA LYS A 54 -5.23 -3.02 1.04
C LYS A 54 -5.93 -3.59 2.25
N ASN A 55 -7.21 -3.91 2.10
CA ASN A 55 -8.01 -4.47 3.16
C ASN A 55 -7.58 -5.86 3.53
N VAL A 56 -7.30 -6.70 2.54
CA VAL A 56 -6.85 -8.07 2.85
C VAL A 56 -5.52 -8.00 3.59
N VAL A 57 -4.52 -7.33 3.03
CA VAL A 57 -3.19 -7.32 3.65
C VAL A 57 -3.21 -6.55 4.95
N GLY A 58 -4.09 -5.55 5.07
CA GLY A 58 -4.24 -4.83 6.31
C GLY A 58 -4.67 -5.71 7.47
N GLY A 59 -5.61 -6.62 7.23
CA GLY A 59 -6.04 -7.55 8.24
C GLY A 59 -4.90 -8.46 8.59
N GLN A 60 -4.15 -8.91 7.60
CA GLN A 60 -3.02 -9.82 7.84
C GLN A 60 -1.95 -9.15 8.68
N ARG A 61 -1.63 -7.91 8.35
CA ARG A 61 -0.61 -7.12 9.08
C ARG A 61 -1.05 -6.96 10.53
N ALA A 62 -2.33 -6.68 10.77
CA ALA A 62 -2.78 -6.46 12.12
C ALA A 62 -2.64 -7.77 12.91
N ALA A 63 -2.97 -8.91 12.28
CA ALA A 63 -2.87 -10.22 12.94
C ALA A 63 -1.42 -10.58 13.21
N TRP A 64 -0.56 -10.32 12.23
CA TRP A 64 0.88 -10.58 12.38
C TRP A 64 1.45 -9.81 13.52
N ARG A 65 1.02 -8.56 13.70
CA ARG A 65 1.57 -7.71 14.79
C ARG A 65 1.12 -8.27 16.13
N VAL A 66 -0.11 -8.72 16.22
CA VAL A 66 -0.61 -9.32 17.46
C VAL A 66 0.24 -10.52 17.82
N LEU A 67 0.46 -11.40 16.85
CA LEU A 67 1.24 -12.59 17.07
C LEU A 67 2.71 -12.32 17.38
N SER A 68 3.31 -11.37 16.64
CA SER A 68 4.70 -11.01 16.87
C SER A 68 4.92 -10.48 18.27
N SER A 69 3.98 -9.68 18.78
CA SER A 69 4.05 -9.14 20.13
C SER A 69 4.05 -10.31 21.11
N ILE A 70 3.14 -11.28 20.93
CA ILE A 70 3.03 -12.42 21.87
C ILE A 70 4.34 -13.18 21.83
N GLU A 71 4.91 -13.35 20.64
CA GLU A 71 6.13 -14.08 20.46
C GLU A 71 7.30 -13.34 21.12
N GLN A 72 7.36 -12.02 20.96
CA GLN A 72 8.45 -11.26 21.57
C GLN A 72 8.37 -11.37 23.10
N LYS A 73 7.16 -11.27 23.66
CA LYS A 73 6.93 -11.45 25.10
C LYS A 73 7.38 -12.82 25.63
N SER A 74 7.13 -13.87 24.85
CA SER A 74 7.54 -15.25 25.17
C SER A 74 9.06 -15.43 25.27
N ASN A 75 9.81 -14.61 24.52
CA ASN A 75 11.27 -14.67 24.52
C ASN A 75 11.95 -13.74 25.55
N GLU A 76 11.15 -13.01 26.35
CA GLU A 76 11.64 -12.20 27.47
C GLU A 76 12.06 -13.09 28.65
N GLU A 77 12.92 -12.55 29.51
CA GLU A 77 13.39 -13.26 30.71
C GLU A 77 12.24 -13.58 31.66
N GLY A 78 12.21 -14.83 32.14
CA GLY A 78 11.20 -15.29 33.08
C GLY A 78 9.91 -15.76 32.44
N SER A 79 9.82 -15.67 31.11
CA SER A 79 8.66 -16.14 30.36
C SER A 79 8.74 -17.67 30.30
N GLU A 80 7.65 -18.33 30.69
CA GLU A 80 7.58 -19.79 30.68
C GLU A 80 7.63 -20.30 29.23
N GLU A 81 8.38 -21.38 28.99
CA GLU A 81 8.47 -22.00 27.67
C GLU A 81 7.11 -22.59 27.34
N LYS A 82 6.54 -22.20 26.20
CA LYS A 82 5.24 -22.71 25.76
C LYS A 82 5.29 -23.55 24.47
N GLY A 83 6.50 -23.79 23.96
CA GLY A 83 6.69 -24.63 22.80
C GLY A 83 6.74 -23.81 21.51
N PRO A 84 6.71 -24.49 20.35
CA PRO A 84 6.89 -23.84 19.05
C PRO A 84 5.63 -23.18 18.47
N GLU A 85 4.49 -23.30 19.14
CA GLU A 85 3.21 -22.95 18.51
C GLU A 85 3.07 -21.47 18.17
N VAL A 86 3.54 -20.56 19.03
CA VAL A 86 3.41 -19.14 18.73
C VAL A 86 4.22 -18.78 17.49
N ARG A 87 5.45 -19.25 17.42
CA ARG A 87 6.32 -19.01 16.25
C ARG A 87 5.65 -19.67 15.03
N GLU A 88 5.17 -20.91 15.13
CA GLU A 88 4.55 -21.57 13.99
C GLU A 88 3.36 -20.80 13.45
N TYR A 89 2.50 -20.30 14.33
CA TYR A 89 1.28 -19.62 13.87
C TYR A 89 1.63 -18.20 13.35
N ARG A 90 2.59 -17.52 13.96
CA ARG A 90 3.09 -16.24 13.39
C ARG A 90 3.67 -16.53 11.99
N GLU A 91 4.44 -17.61 11.81
CA GLU A 91 4.96 -17.99 10.52
C GLU A 91 3.89 -18.30 9.50
N LYS A 92 2.80 -18.92 9.93
CA LYS A 92 1.69 -19.23 9.03
C LYS A 92 1.06 -17.98 8.50
N VAL A 93 0.73 -17.07 9.41
CA VAL A 93 0.17 -15.80 9.00
C VAL A 93 1.15 -14.99 8.15
N GLU A 94 2.41 -14.94 8.54
CA GLU A 94 3.45 -14.32 7.74
C GLU A 94 3.55 -14.85 6.31
N THR A 95 3.49 -16.16 6.14
CA THR A 95 3.59 -16.80 4.85
C THR A 95 2.37 -16.40 4.00
N GLU A 96 1.19 -16.35 4.62
CA GLU A 96 -0.01 -16.00 3.87
C GLU A 96 0.09 -14.54 3.45
N LEU A 97 0.54 -13.66 4.36
CA LEU A 97 0.81 -12.25 4.00
C LEU A 97 1.78 -12.08 2.86
N GLN A 98 2.90 -12.80 2.90
CA GLN A 98 3.89 -12.72 1.86
C GLN A 98 3.30 -13.16 0.50
N GLY A 99 2.44 -14.17 0.53
CA GLY A 99 1.75 -14.66 -0.62
C GLY A 99 0.87 -13.64 -1.27
N VAL A 100 0.12 -12.90 -0.46
CA VAL A 100 -0.75 -11.87 -0.98
C VAL A 100 0.11 -10.76 -1.58
N CYS A 101 1.23 -10.42 -0.93
CA CYS A 101 2.09 -9.38 -1.44
C CYS A 101 2.69 -9.80 -2.77
N ASP A 102 3.14 -11.05 -2.88
CA ASP A 102 3.69 -11.58 -4.11
C ASP A 102 2.65 -11.58 -5.21
N THR A 103 1.41 -11.89 -4.87
CA THR A 103 0.32 -11.85 -5.86
C THR A 103 0.13 -10.46 -6.43
N VAL A 104 0.08 -9.44 -5.56
CA VAL A 104 -0.10 -8.09 -6.03
C VAL A 104 1.08 -7.65 -6.85
N LEU A 105 2.30 -7.87 -6.35
CA LEU A 105 3.49 -7.50 -7.09
C LEU A 105 3.53 -8.20 -8.45
N GLY A 106 3.04 -9.45 -8.49
CA GLY A 106 2.96 -10.18 -9.75
C GLY A 106 2.01 -9.56 -10.75
N LEU A 107 0.88 -9.03 -10.28
CA LEU A 107 -0.07 -8.36 -11.17
C LEU A 107 0.56 -7.09 -11.72
N LEU A 108 1.25 -6.34 -10.83
CA LEU A 108 1.91 -5.11 -11.24
C LEU A 108 2.99 -5.38 -12.29
N ASP A 109 3.75 -6.45 -12.12
CA ASP A 109 4.84 -6.76 -13.03
C ASP A 109 4.34 -7.44 -14.29
N SER A 110 3.16 -8.07 -14.24
CA SER A 110 2.61 -8.84 -15.37
C SER A 110 1.14 -8.51 -15.55
N HIS A 111 0.79 -7.39 -16.19
CA HIS A 111 1.71 -6.46 -16.83
C HIS A 111 1.23 -5.01 -16.66
N LEU A 112 0.68 -4.70 -15.47
CA LEU A 112 0.07 -3.41 -15.29
C LEU A 112 1.01 -2.22 -15.46
N ILE A 113 2.17 -2.27 -14.81
CA ILE A 113 3.12 -1.18 -14.90
C ILE A 113 3.59 -0.91 -16.31
N LYS A 114 4.00 -1.95 -17.05
CA LYS A 114 4.64 -1.69 -18.32
C LYS A 114 3.65 -1.09 -19.30
N GLU A 115 2.34 -1.33 -19.15
CA GLU A 115 1.35 -0.76 -20.07
C GLU A 115 0.81 0.61 -19.60
N ALA A 116 1.24 1.08 -18.43
CA ALA A 116 0.75 2.32 -17.82
C ALA A 116 1.60 3.48 -18.31
N GLY A 117 1.02 4.27 -19.21
CA GLY A 117 1.68 5.43 -19.80
C GLY A 117 1.28 6.78 -19.19
N ASP A 118 0.03 6.91 -18.75
CA ASP A 118 -0.45 8.15 -18.16
C ASP A 118 0.14 8.30 -16.79
N ALA A 119 0.38 9.54 -16.38
CA ALA A 119 0.97 9.76 -15.06
C ALA A 119 0.13 9.18 -13.94
N GLU A 120 -1.20 9.30 -14.00
CA GLU A 120 -2.02 8.84 -12.89
C GLU A 120 -1.96 7.35 -12.74
N SER A 121 -1.96 6.62 -13.86
CA SER A 121 -1.90 5.16 -13.77
C SER A 121 -0.51 4.72 -13.32
N ARG A 122 0.53 5.28 -13.93
CA ARG A 122 1.91 4.81 -13.64
C ARG A 122 2.30 5.12 -12.19
N VAL A 123 2.01 6.34 -11.72
CA VAL A 123 2.33 6.71 -10.35
C VAL A 123 1.57 5.82 -9.37
N PHE A 124 0.27 5.58 -9.64
CA PHE A 124 -0.53 4.76 -8.75
C PHE A 124 0.06 3.35 -8.65
N TYR A 125 0.39 2.72 -9.78
CA TYR A 125 0.93 1.33 -9.78
C TYR A 125 2.31 1.29 -9.10
N LEU A 126 3.13 2.31 -9.30
CA LEU A 126 4.43 2.33 -8.68
C LEU A 126 4.32 2.54 -7.18
N LYS A 127 3.38 3.39 -6.78
CA LYS A 127 3.06 3.49 -5.38
C LYS A 127 2.66 2.15 -4.78
N MET A 128 1.76 1.42 -5.45
CA MET A 128 1.38 0.09 -4.95
C MET A 128 2.58 -0.83 -4.83
N LYS A 129 3.46 -0.78 -5.83
CA LYS A 129 4.64 -1.63 -5.79
C LYS A 129 5.48 -1.29 -4.56
N GLY A 130 5.67 -0.01 -4.27
CA GLY A 130 6.37 0.40 -3.08
C GLY A 130 5.65 -0.11 -1.81
N ASP A 131 4.33 0.01 -1.79
CA ASP A 131 3.54 -0.37 -0.62
C ASP A 131 3.73 -1.87 -0.33
N TYR A 132 3.63 -2.74 -1.34
CA TYR A 132 3.65 -4.21 -1.12
C TYR A 132 5.11 -4.65 -0.87
N TYR A 133 6.13 -3.99 -1.42
CA TYR A 133 7.50 -4.24 -0.93
C TYR A 133 7.67 -3.78 0.51
N ARG A 134 7.04 -2.67 0.90
CA ARG A 134 7.10 -2.18 2.28
C ARG A 134 6.49 -3.22 3.21
N TYR A 135 5.34 -3.83 2.87
CA TYR A 135 4.73 -4.86 3.73
C TYR A 135 5.64 -6.10 3.80
N LEU A 136 6.27 -6.49 2.71
CA LEU A 136 7.30 -7.53 2.77
C LEU A 136 8.42 -7.15 3.72
N ALA A 137 8.85 -5.88 3.68
CA ALA A 137 9.96 -5.41 4.52
C ALA A 137 9.58 -5.48 5.99
N GLU A 138 8.32 -5.25 6.32
CA GLU A 138 7.86 -5.24 7.70
C GLU A 138 8.12 -6.58 8.37
N VAL A 139 8.05 -7.66 7.59
CA VAL A 139 8.23 -9.01 8.17
C VAL A 139 9.55 -9.65 7.82
N ALA A 140 10.40 -8.95 7.07
CA ALA A 140 11.66 -9.50 6.60
C ALA A 140 12.70 -9.47 7.72
N THR A 141 13.46 -10.55 7.79
CA THR A 141 14.55 -10.74 8.77
C THR A 141 15.82 -11.42 8.21
N GLY A 142 15.82 -11.77 6.91
CA GLY A 142 16.87 -12.57 6.29
C GLY A 142 17.90 -11.83 5.40
N ASP A 143 18.62 -12.61 4.57
CA ASP A 143 19.68 -12.15 3.63
C ASP A 143 19.18 -11.06 2.66
N ASP A 144 17.89 -11.14 2.31
CA ASP A 144 17.28 -10.26 1.30
C ASP A 144 16.60 -9.01 1.82
N LYS A 145 16.60 -8.80 3.14
CA LYS A 145 15.89 -7.69 3.74
C LYS A 145 16.30 -6.34 3.12
N LYS A 146 17.60 -6.11 2.96
CA LYS A 146 18.08 -4.86 2.40
C LYS A 146 17.56 -4.68 1.00
N ARG A 147 17.55 -5.75 0.20
CA ARG A 147 17.10 -5.71 -1.21
C ARG A 147 15.58 -5.45 -1.21
N ILE A 148 14.82 -6.02 -0.27
CA ILE A 148 13.38 -5.79 -0.30
C ILE A 148 13.12 -4.31 0.01
N ILE A 149 13.83 -3.79 1.00
CA ILE A 149 13.75 -2.37 1.35
C ILE A 149 14.13 -1.49 0.17
N ASP A 150 15.19 -1.86 -0.54
CA ASP A 150 15.59 -1.05 -1.66
C ASP A 150 14.56 -1.13 -2.79
N SER A 151 13.90 -2.28 -2.97
CA SER A 151 12.87 -2.39 -4.00
C SER A 151 11.70 -1.47 -3.67
N ALA A 152 11.32 -1.42 -2.39
CA ALA A 152 10.27 -0.46 -1.99
C ALA A 152 10.71 0.98 -2.32
N ARG A 153 11.92 1.35 -1.89
CA ARG A 153 12.48 2.70 -2.12
C ARG A 153 12.47 3.04 -3.61
N SER A 154 12.96 2.11 -4.44
CA SER A 154 13.08 2.38 -5.84
C SER A 154 11.74 2.65 -6.50
N ALA A 155 10.72 1.86 -6.16
CA ALA A 155 9.39 2.02 -6.75
C ALA A 155 8.80 3.38 -6.32
N TYR A 156 8.88 3.67 -5.02
CA TYR A 156 8.39 4.96 -4.48
C TYR A 156 9.14 6.11 -5.17
N GLN A 157 10.46 5.98 -5.31
CA GLN A 157 11.23 7.06 -5.92
C GLN A 157 10.85 7.34 -7.36
N GLU A 158 10.68 6.27 -8.17
CA GLU A 158 10.23 6.49 -9.55
C GLU A 158 8.84 7.15 -9.60
N ALA A 159 7.94 6.72 -8.73
CA ALA A 159 6.62 7.30 -8.62
C ALA A 159 6.72 8.79 -8.23
N MET A 160 7.62 9.10 -7.31
CA MET A 160 7.80 10.48 -6.84
C MET A 160 8.29 11.33 -7.98
N ASP A 161 9.27 10.81 -8.73
CA ASP A 161 9.88 11.62 -9.78
C ASP A 161 8.80 11.95 -10.85
N ILE A 162 8.01 10.94 -11.26
CA ILE A 162 6.94 11.18 -12.24
C ILE A 162 5.88 12.16 -11.66
N SER A 163 5.49 11.94 -10.41
CA SER A 163 4.44 12.76 -9.84
C SER A 163 4.83 14.26 -9.79
N LYS A 164 6.09 14.54 -9.46
CA LYS A 164 6.54 15.93 -9.36
C LYS A 164 6.60 16.58 -10.72
N LYS A 165 6.89 15.81 -11.76
CA LYS A 165 6.97 16.32 -13.13
C LYS A 165 5.61 16.51 -13.75
N GLU A 166 4.67 15.60 -13.50
CA GLU A 166 3.42 15.49 -14.24
C GLU A 166 2.10 15.83 -13.54
N MET A 167 2.12 15.97 -12.23
CA MET A 167 0.91 16.20 -11.47
C MET A 167 1.02 17.44 -10.60
N PRO A 168 -0.10 18.13 -10.34
CA PRO A 168 -0.07 19.27 -9.43
C PRO A 168 0.15 18.79 -8.01
N PRO A 169 0.67 19.67 -7.13
CA PRO A 169 0.99 19.27 -5.76
C PRO A 169 -0.25 18.86 -4.96
N THR A 170 -1.46 19.18 -5.42
CA THR A 170 -2.68 18.76 -4.74
C THR A 170 -3.30 17.48 -5.25
N ASN A 171 -2.72 16.88 -6.30
CA ASN A 171 -3.30 15.68 -6.90
C ASN A 171 -3.38 14.61 -5.81
N PRO A 172 -4.55 13.97 -5.55
CA PRO A 172 -4.64 12.99 -4.47
C PRO A 172 -3.66 11.83 -4.63
N ILE A 173 -3.32 11.38 -5.85
CA ILE A 173 -2.35 10.31 -6.05
C ILE A 173 -0.98 10.75 -5.61
N ARG A 174 -0.57 11.94 -6.03
CA ARG A 174 0.71 12.54 -5.59
C ARG A 174 0.72 12.61 -4.06
N LEU A 175 -0.36 13.13 -3.46
CA LEU A 175 -0.39 13.24 -2.04
C LEU A 175 -0.29 11.89 -1.31
N GLY A 176 -1.03 10.90 -1.80
CA GLY A 176 -1.09 9.64 -1.11
C GLY A 176 0.25 8.92 -1.23
N LEU A 177 0.90 9.04 -2.39
CA LEU A 177 2.25 8.53 -2.56
C LEU A 177 3.20 9.13 -1.56
N ALA A 178 3.17 10.45 -1.40
CA ALA A 178 4.08 11.13 -0.49
C ALA A 178 3.84 10.73 0.95
N LEU A 179 2.57 10.58 1.30
CA LEU A 179 2.20 10.15 2.63
C LEU A 179 2.85 8.80 2.93
N ASN A 180 2.70 7.84 2.02
CA ASN A 180 3.18 6.49 2.24
C ASN A 180 4.70 6.41 2.16
N PHE A 181 5.33 7.15 1.24
CA PHE A 181 6.79 7.17 1.15
C PHE A 181 7.40 7.75 2.40
N SER A 182 6.73 8.74 3.00
CA SER A 182 7.17 9.34 4.23
C SER A 182 7.10 8.30 5.33
N VAL A 183 6.02 7.51 5.41
CA VAL A 183 5.93 6.45 6.41
C VAL A 183 7.04 5.40 6.18
N PHE A 184 7.30 5.06 4.93
CA PHE A 184 8.42 4.18 4.59
C PHE A 184 9.72 4.72 5.22
N HIS A 185 10.02 6.01 5.02
CA HIS A 185 11.22 6.57 5.61
C HIS A 185 11.25 6.37 7.11
N TYR A 186 10.14 6.69 7.77
CA TYR A 186 10.04 6.65 9.24
C TYR A 186 10.14 5.22 9.77
N GLU A 187 9.37 4.29 9.21
CA GLU A 187 9.14 3.01 9.87
C GLU A 187 10.06 1.91 9.33
N ILE A 188 10.51 2.05 8.09
CA ILE A 188 11.27 1.00 7.40
C ILE A 188 12.73 1.38 7.20
N ALA A 189 13.01 2.61 6.74
CA ALA A 189 14.36 3.00 6.40
C ALA A 189 15.14 3.66 7.52
N ASN A 190 14.53 3.79 8.71
CA ASN A 190 15.19 4.41 9.87
C ASN A 190 15.66 5.82 9.52
N SER A 191 14.84 6.54 8.75
CA SER A 191 15.14 7.93 8.34
C SER A 191 14.03 8.89 8.77
N PRO A 192 13.84 9.12 10.08
CA PRO A 192 12.71 9.93 10.53
C PRO A 192 12.83 11.40 10.04
N GLU A 193 14.04 11.97 9.93
CA GLU A 193 14.17 13.32 9.41
C GLU A 193 13.69 13.42 7.98
N GLU A 194 13.98 12.42 7.16
CA GLU A 194 13.53 12.44 5.77
C GLU A 194 12.01 12.31 5.71
N ALA A 195 11.44 11.51 6.60
CA ALA A 195 9.99 11.31 6.69
C ALA A 195 9.29 12.60 7.01
N ILE A 196 9.81 13.29 8.01
CA ILE A 196 9.25 14.56 8.44
C ILE A 196 9.39 15.62 7.36
N SER A 197 10.58 15.73 6.78
CA SER A 197 10.83 16.72 5.73
C SER A 197 9.84 16.48 4.58
N LEU A 198 9.70 15.23 4.14
CA LEU A 198 8.83 14.95 3.00
C LEU A 198 7.39 15.28 3.35
N ALA A 199 6.92 14.89 4.52
CA ALA A 199 5.55 15.19 4.87
C ALA A 199 5.30 16.70 4.91
N LYS A 200 6.24 17.46 5.48
CA LYS A 200 6.07 18.90 5.68
C LYS A 200 6.08 19.59 4.32
N THR A 201 7.09 19.29 3.48
CA THR A 201 7.17 19.91 2.16
C THR A 201 5.93 19.57 1.33
N THR A 202 5.50 18.31 1.38
CA THR A 202 4.32 17.91 0.60
C THR A 202 3.11 18.74 1.06
N PHE A 203 2.91 18.82 2.36
CA PHE A 203 1.77 19.56 2.95
C PHE A 203 1.82 21.03 2.48
N ASP A 204 2.99 21.67 2.55
CA ASP A 204 3.11 23.11 2.31
C ASP A 204 2.93 23.38 0.83
N GLU A 205 3.45 22.52 -0.02
CA GLU A 205 3.29 22.76 -1.46
C GLU A 205 1.84 22.57 -1.88
N ALA A 206 1.16 21.61 -1.26
CA ALA A 206 -0.25 21.41 -1.53
C ALA A 206 -1.07 22.58 -1.05
N MET A 207 -0.81 23.06 0.17
CA MET A 207 -1.51 24.24 0.70
C MET A 207 -1.52 25.38 -0.31
N ALA A 208 -0.36 25.65 -0.88
CA ALA A 208 -0.17 26.72 -1.83
C ALA A 208 -0.92 26.58 -3.13
N ASP A 209 -1.36 25.37 -3.45
CA ASP A 209 -2.06 25.09 -4.71
C ASP A 209 -3.56 24.90 -4.52
N LEU A 210 -4.05 24.89 -3.28
CA LEU A 210 -5.48 24.70 -3.04
C LEU A 210 -6.37 25.74 -3.73
N HIS A 211 -5.82 26.94 -3.97
CA HIS A 211 -6.60 28.06 -4.53
C HIS A 211 -7.10 27.78 -5.91
N THR A 212 -6.46 26.81 -6.59
CA THR A 212 -6.76 26.47 -7.98
C THR A 212 -7.92 25.49 -8.12
N LEU A 213 -8.42 24.94 -7.00
CA LEU A 213 -9.33 23.81 -6.99
C LEU A 213 -10.76 24.17 -6.84
N SER A 214 -11.62 23.34 -7.41
CA SER A 214 -13.05 23.32 -7.09
C SER A 214 -13.26 22.89 -5.66
N GLU A 215 -14.49 23.10 -5.17
CA GLU A 215 -14.88 22.66 -3.84
C GLU A 215 -14.66 21.16 -3.68
N ASP A 216 -15.06 20.37 -4.68
CA ASP A 216 -14.95 18.92 -4.52
C ASP A 216 -13.49 18.46 -4.53
N SER A 217 -12.66 19.04 -5.39
CA SER A 217 -11.24 18.73 -5.40
C SER A 217 -10.54 19.16 -4.13
N TYR A 218 -10.92 20.32 -3.61
CA TYR A 218 -10.43 20.85 -2.32
C TYR A 218 -10.70 19.84 -1.21
N LYS A 219 -11.93 19.30 -1.14
CA LYS A 219 -12.25 18.32 -0.15
C LYS A 219 -11.35 17.08 -0.25
N ASP A 220 -11.17 16.57 -1.47
CA ASP A 220 -10.32 15.39 -1.67
C ASP A 220 -8.88 15.67 -1.25
N SER A 221 -8.32 16.83 -1.63
CA SER A 221 -6.94 17.09 -1.30
C SER A 221 -6.71 17.33 0.17
N THR A 222 -7.59 18.10 0.79
CA THR A 222 -7.42 18.40 2.18
C THR A 222 -7.55 17.20 3.07
N LEU A 223 -8.36 16.21 2.67
CA LEU A 223 -8.50 15.01 3.48
C LEU A 223 -7.12 14.35 3.63
N ILE A 224 -6.39 14.24 2.53
CA ILE A 224 -5.06 13.63 2.56
C ILE A 224 -4.04 14.52 3.20
N MET A 225 -4.11 15.84 2.98
CA MET A 225 -3.25 16.72 3.75
C MET A 225 -3.39 16.60 5.26
N GLN A 226 -4.61 16.37 5.74
CA GLN A 226 -4.82 16.14 7.16
C GLN A 226 -4.11 14.89 7.67
N LEU A 227 -4.02 13.85 6.84
CA LEU A 227 -3.26 12.67 7.21
C LEU A 227 -1.76 12.96 7.33
N LEU A 228 -1.24 13.78 6.41
CA LEU A 228 0.13 14.24 6.52
C LEU A 228 0.35 14.97 7.82
N ARG A 229 -0.56 15.89 8.14
CA ARG A 229 -0.50 16.65 9.42
C ARG A 229 -0.58 15.68 10.60
N ASP A 230 -1.47 14.69 10.55
CA ASP A 230 -1.61 13.76 11.65
C ASP A 230 -0.28 13.07 11.93
N ASN A 231 0.37 12.60 10.86
CA ASN A 231 1.65 11.96 11.02
C ASN A 231 2.71 12.87 11.58
N LEU A 232 2.80 14.08 11.02
CA LEU A 232 3.71 15.10 11.57
C LEU A 232 3.49 15.33 13.07
N THR A 233 2.22 15.33 13.49
CA THR A 233 1.92 15.50 14.92
C THR A 233 2.43 14.33 15.72
N LEU A 234 2.27 13.12 15.18
CA LEU A 234 2.76 11.92 15.81
C LEU A 234 4.28 11.95 15.99
N TRP A 235 4.96 12.56 15.02
CA TRP A 235 6.42 12.44 14.94
C TRP A 235 7.21 13.56 15.54
N THR A 236 6.54 14.65 15.92
CA THR A 236 7.21 15.85 16.39
C THR A 236 6.66 16.28 17.74
N PHE B 1 0.00 3.29 14.97
CA PHE B 1 0.68 3.30 13.63
C PHE B 1 0.37 4.58 12.86
N PRO B 2 1.28 5.04 11.98
CA PRO B 2 1.01 6.23 11.18
C PRO B 2 0.02 5.96 10.04
N ALA B 3 -0.55 7.03 9.49
CA ALA B 3 -1.53 6.94 8.46
C ALA B 3 -0.90 6.66 7.13
N TPO B 4 -1.47 5.71 6.38
CA TPO B 4 -1.16 5.44 4.97
CB TPO B 4 -0.23 4.22 4.81
CG2 TPO B 4 1.14 4.43 5.42
OG1 TPO B 4 -0.92 3.12 5.50
P TPO B 4 -0.42 1.61 5.34
O1P TPO B 4 -1.62 0.84 5.81
O2P TPO B 4 0.77 1.42 6.23
O3P TPO B 4 -0.07 1.37 3.90
C TPO B 4 -2.48 5.25 4.22
O TPO B 4 -3.48 4.93 4.87
N VAL B 5 -2.47 5.46 2.91
CA VAL B 5 -3.65 5.27 2.10
C VAL B 5 -3.41 4.27 0.98
MG MG C . 13.40 16.66 -1.17
MG MG D . 9.03 -16.56 7.64
C4 O3F E . -7.54 5.99 -7.53
C14 O3F E . -3.96 7.15 -3.16
C5 O3F E . -8.72 6.82 -6.96
C6 O3F E . -7.76 7.40 -5.89
C11 O3F E . -6.25 7.11 -1.59
C7 O3F E . -7.68 6.61 -4.58
C8 O3F E . -8.83 6.95 -3.67
C9 O3F E . -8.56 8.91 -2.12
C10 O3F E . -8.44 8.06 -0.83
C12 O3F E . -5.62 5.91 -1.98
C13 O3F E . -4.47 5.93 -2.73
N1 O3F E . -7.72 6.90 -9.83
N2 O3F E . -8.80 8.38 -3.34
C3 O3F E . -7.40 5.73 -9.01
N3 O3F E . -7.43 6.98 -0.89
O1 O3F E . -6.15 6.43 -11.40
C1 O3F E . -7.12 7.13 -10.99
C2 O3F E . -7.70 8.18 -11.91
O2 O3F E . -8.53 10.13 -2.05
CL2 O3F E . -2.51 7.19 -4.12
C15 O3F E . -4.55 8.33 -2.79
C16 O3F E . -5.72 8.32 -2.05
C17 O3F E . -8.00 8.95 0.36
C18 O3F E . -8.10 8.22 1.67
O3 O3F E . -9.43 7.74 1.89
C19 O3F E . -9.84 6.84 0.86
C20 O3F E . -9.84 7.49 -0.50
C21 O3F E . -9.00 9.18 -4.57
C22 O3F E . -7.90 8.88 -5.57
C23 O3F E . -6.60 7.04 -6.85
#